data_4IO7
#
_entry.id   4IO7
#
_cell.length_a   55.499
_cell.length_b   100.235
_cell.length_c   56.757
_cell.angle_alpha   90.00
_cell.angle_beta   116.49
_cell.angle_gamma   90.00
#
_symmetry.space_group_name_H-M   'P 1 21 1'
#
loop_
_entity.id
_entity.type
_entity.pdbx_description
1 polymer 'AvGluR1 ligand binding domain'
2 non-polymer PHENYLALANINE
3 non-polymer 'CHLORIDE ION'
4 water water
#
_entity_poly.entity_id   1
_entity_poly.type   'polypeptide(L)'
_entity_poly.pdbx_seq_one_letter_code
;GSARLKGITLRIGVIESVPFTIVANVIDTSGRNTTKLTGYVLDLIEYLRDKMGFVADVQLAPPNTSYTGLVLALANGDYD
IAIGDITVTSARREIVAFSNSISDNSMRILMRKGTLIDGMDDLKNGKIPYNRIGIRIGTAGEDYYLREISGGSRNFYPLK
SRQEMYDSLLAGIIDVSFMDIGTAEYVTNNIYCNLTLVGEDFDKSTFGIVTPKEWLYAKDLDVNILSLRETGILDNLKKK
WFQTKACP
;
_entity_poly.pdbx_strand_id   A,B
#
# COMPACT_ATOMS: atom_id res chain seq x y z
N GLY A 1 22.20 -13.53 1.84
CA GLY A 1 22.78 -12.74 2.96
C GLY A 1 22.26 -11.33 2.94
N SER A 2 22.69 -10.53 3.91
CA SER A 2 22.21 -9.15 4.04
C SER A 2 23.30 -8.27 4.64
N ALA A 3 23.11 -6.96 4.52
CA ALA A 3 24.08 -6.02 5.06
C ALA A 3 23.47 -4.62 5.18
N ARG A 4 24.16 -3.77 5.92
CA ARG A 4 23.76 -2.38 6.16
C ARG A 4 24.38 -1.44 5.10
N LEU A 5 23.70 -0.35 4.82
CA LEU A 5 24.12 0.58 3.79
C LEU A 5 25.11 1.67 4.34
N LYS A 6 25.43 1.61 5.62
CA LYS A 6 26.31 2.64 6.17
C LYS A 6 27.63 2.75 5.42
N GLY A 7 27.98 3.97 5.01
CA GLY A 7 29.23 4.24 4.31
C GLY A 7 29.30 3.75 2.84
N ILE A 8 28.25 3.10 2.39
CA ILE A 8 28.18 2.55 1.03
C ILE A 8 27.64 3.61 0.05
N THR A 9 28.26 3.75 -1.11
CA THR A 9 27.72 4.65 -2.15
C THR A 9 26.58 3.98 -2.94
N LEU A 10 25.44 4.67 -3.01
CA LEU A 10 24.33 4.26 -3.87
C LEU A 10 24.11 5.26 -4.97
N ARG A 11 24.12 4.79 -6.23
CA ARG A 11 23.68 5.57 -7.37
C ARG A 11 22.16 5.53 -7.38
N ILE A 12 21.53 6.67 -7.18
CA ILE A 12 20.08 6.75 -7.03
C ILE A 12 19.48 7.43 -8.25
N GLY A 13 18.74 6.67 -9.04
CA GLY A 13 18.01 7.20 -10.18
C GLY A 13 16.75 7.91 -9.73
N VAL A 14 16.57 9.12 -10.23
CA VAL A 14 15.34 9.86 -10.05
C VAL A 14 14.87 10.31 -11.45
N ILE A 15 13.59 10.65 -11.52
CA ILE A 15 12.93 11.02 -12.78
C ILE A 15 12.02 12.24 -12.54
N GLU A 16 12.15 13.22 -13.44
CA GLU A 16 11.42 14.47 -13.37
C GLU A 16 9.91 14.22 -13.30
N SER A 17 9.28 14.76 -12.26
CA SER A 17 7.85 14.62 -12.05
C SER A 17 7.46 15.54 -10.90
N VAL A 18 6.92 16.70 -11.23
CA VAL A 18 6.61 17.69 -10.22
C VAL A 18 5.40 17.23 -9.37
N PRO A 19 5.47 17.35 -8.02
CA PRO A 19 6.54 17.89 -7.18
C PRO A 19 7.36 16.82 -6.44
N PHE A 20 7.39 15.62 -6.98
CA PHE A 20 8.23 14.55 -6.47
C PHE A 20 9.70 14.90 -6.75
N THR A 21 9.99 15.18 -8.02
CA THR A 21 11.34 15.51 -8.46
C THR A 21 11.24 16.69 -9.41
N ILE A 22 11.72 17.83 -8.93
CA ILE A 22 11.53 19.09 -9.63
C ILE A 22 12.88 19.53 -10.16
N VAL A 23 12.92 19.82 -11.45
CA VAL A 23 14.15 20.09 -12.16
C VAL A 23 14.21 21.55 -12.62
N ALA A 24 15.19 22.29 -12.12
CA ALA A 24 15.36 23.68 -12.53
C ALA A 24 16.69 23.81 -13.26
N ASN A 25 16.71 24.64 -14.29
CA ASN A 25 17.97 24.99 -14.94
C ASN A 25 18.45 26.32 -14.39
N VAL A 26 19.75 26.36 -14.09
CA VAL A 26 20.36 27.53 -13.44
C VAL A 26 21.66 27.97 -14.14
N ILE A 27 22.03 29.24 -13.96
CA ILE A 27 23.21 29.80 -14.64
C ILE A 27 24.06 30.68 -13.72
N ARG A 32 26.90 29.38 -18.54
CA ARG A 32 27.32 28.37 -17.58
C ARG A 32 26.14 27.68 -16.93
N ASN A 33 25.58 26.65 -17.57
CA ASN A 33 24.38 26.00 -17.03
C ASN A 33 24.63 24.89 -16.00
N THR A 34 23.70 24.74 -15.06
CA THR A 34 23.69 23.63 -14.13
C THR A 34 22.25 23.35 -13.71
N THR A 35 22.04 22.17 -13.17
CA THR A 35 20.71 21.70 -12.87
C THR A 35 20.52 21.55 -11.36
N LYS A 36 19.45 22.13 -10.82
CA LYS A 36 19.06 21.94 -9.43
C LYS A 36 17.83 21.03 -9.30
N LEU A 37 17.89 20.14 -8.31
CA LEU A 37 16.79 19.23 -8.02
C LEU A 37 16.23 19.50 -6.64
N THR A 38 14.90 19.52 -6.57
CA THR A 38 14.20 19.66 -5.29
C THR A 38 12.94 18.81 -5.38
N GLY A 39 12.23 18.69 -4.26
CA GLY A 39 11.01 17.93 -4.22
C GLY A 39 10.95 16.85 -3.14
N TYR A 40 9.78 16.24 -3.06
CA TYR A 40 9.49 15.16 -2.14
C TYR A 40 10.59 14.10 -2.15
N VAL A 41 10.97 13.70 -3.36
CA VAL A 41 11.94 12.64 -3.54
C VAL A 41 13.31 13.02 -2.94
N LEU A 42 13.72 14.26 -3.16
CA LEU A 42 15.04 14.72 -2.70
C LEU A 42 15.07 14.82 -1.19
N ASP A 43 13.94 15.23 -0.60
CA ASP A 43 13.81 15.30 0.85
C ASP A 43 13.82 13.89 1.45
N LEU A 44 13.15 12.94 0.78
CA LEU A 44 13.10 11.54 1.25
C LEU A 44 14.49 10.94 1.23
N ILE A 45 15.23 11.17 0.16
CA ILE A 45 16.62 10.77 0.09
C ILE A 45 17.43 11.31 1.28
N GLU A 46 17.27 12.59 1.61
CA GLU A 46 18.00 13.15 2.75
C GLU A 46 17.64 12.46 4.06
N TYR A 47 16.36 12.16 4.29
CA TYR A 47 15.95 11.45 5.51
C TYR A 47 16.54 10.05 5.56
N LEU A 48 16.52 9.34 4.45
CA LEU A 48 17.02 7.96 4.40
C LEU A 48 18.56 7.97 4.59
N ARG A 49 19.22 8.94 3.97
CA ARG A 49 20.67 9.03 4.06
C ARG A 49 21.12 9.32 5.49
N ASP A 50 20.44 10.27 6.13
CA ASP A 50 20.69 10.58 7.52
C ASP A 50 20.46 9.40 8.49
N LYS A 51 19.44 8.60 8.27
CA LYS A 51 19.17 7.44 9.13
C LYS A 51 20.11 6.27 8.85
N MET A 52 20.43 6.07 7.58
CA MET A 52 21.11 4.87 7.15
C MET A 52 22.60 5.05 6.91
N GLY A 53 23.03 6.27 6.66
CA GLY A 53 24.46 6.58 6.55
C GLY A 53 25.09 6.25 5.18
N PHE A 54 24.29 5.94 4.17
CA PHE A 54 24.85 5.73 2.84
C PHE A 54 25.28 7.06 2.21
N VAL A 55 26.05 6.95 1.13
CA VAL A 55 26.50 8.11 0.38
C VAL A 55 25.69 8.16 -0.88
N ALA A 56 25.00 9.27 -1.10
CA ALA A 56 24.02 9.33 -2.16
C ALA A 56 24.64 9.98 -3.37
N ASP A 57 24.66 9.25 -4.48
CA ASP A 57 25.03 9.78 -5.78
C ASP A 57 23.72 9.86 -6.60
N VAL A 58 23.10 11.05 -6.59
CA VAL A 58 21.79 11.22 -7.20
C VAL A 58 21.91 11.54 -8.67
N GLN A 59 21.21 10.77 -9.48
CA GLN A 59 21.34 10.87 -10.92
C GLN A 59 19.97 11.00 -11.56
N LEU A 60 19.76 12.12 -12.23
CA LEU A 60 18.53 12.38 -12.96
C LEU A 60 18.53 11.62 -14.28
N ALA A 61 17.43 10.92 -14.54
CA ALA A 61 17.23 10.20 -15.79
C ALA A 61 17.17 11.23 -16.94
N PRO A 62 17.75 10.89 -18.09
CA PRO A 62 17.69 11.76 -19.29
C PRO A 62 16.26 12.15 -19.65
N PRO A 63 16.09 13.30 -20.30
CA PRO A 63 14.77 13.78 -20.70
C PRO A 63 13.95 12.76 -21.51
N ASN A 64 12.66 12.68 -21.24
CA ASN A 64 11.77 11.76 -21.93
C ASN A 64 12.00 10.26 -21.61
N THR A 65 12.91 9.96 -20.67
CA THR A 65 13.02 8.60 -20.12
C THR A 65 11.63 8.24 -19.64
N SER A 66 11.15 7.05 -19.97
CA SER A 66 9.85 6.63 -19.47
C SER A 66 10.03 5.95 -18.11
N TYR A 67 8.93 5.65 -17.44
CA TYR A 67 9.04 4.92 -16.20
C TYR A 67 9.50 3.50 -16.43
N THR A 68 8.99 2.87 -17.48
CA THR A 68 9.49 1.55 -17.85
C THR A 68 10.99 1.64 -18.17
N GLY A 69 11.38 2.72 -18.84
CA GLY A 69 12.78 2.90 -19.21
C GLY A 69 13.67 3.01 -17.97
N LEU A 70 13.19 3.72 -16.96
CA LEU A 70 13.96 3.86 -15.71
C LEU A 70 14.15 2.50 -15.00
N VAL A 71 13.08 1.74 -14.93
CA VAL A 71 13.14 0.40 -14.37
C VAL A 71 14.09 -0.51 -15.12
N LEU A 72 13.98 -0.50 -16.45
CA LEU A 72 14.88 -1.26 -17.27
C LEU A 72 16.34 -0.84 -17.08
N ALA A 73 16.58 0.46 -16.97
CA ALA A 73 17.94 0.96 -16.77
C ALA A 73 18.54 0.44 -15.44
N LEU A 74 17.71 0.38 -14.41
CA LEU A 74 18.14 -0.19 -13.13
C LEU A 74 18.42 -1.70 -13.24
N ALA A 75 17.54 -2.44 -13.89
CA ALA A 75 17.78 -3.86 -14.13
C ALA A 75 19.09 -4.11 -14.91
N ASN A 76 19.43 -3.18 -15.79
CA ASN A 76 20.65 -3.30 -16.57
CA ASN A 76 20.65 -3.30 -16.57
C ASN A 76 21.90 -2.82 -15.81
N GLY A 77 21.70 -2.33 -14.60
CA GLY A 77 22.78 -1.89 -13.73
C GLY A 77 23.19 -0.42 -13.78
N ASP A 78 22.39 0.44 -14.42
CA ASP A 78 22.71 1.86 -14.54
C ASP A 78 22.57 2.60 -13.21
N TYR A 79 21.75 2.03 -12.32
CA TYR A 79 21.48 2.59 -10.98
C TYR A 79 21.48 1.48 -9.96
N ASP A 80 21.68 1.82 -8.68
CA ASP A 80 21.53 0.86 -7.61
C ASP A 80 20.08 0.79 -7.10
N ILE A 81 19.43 1.94 -6.95
CA ILE A 81 18.01 2.05 -6.60
C ILE A 81 17.43 3.21 -7.43
N ALA A 82 16.10 3.24 -7.52
CA ALA A 82 15.46 4.37 -8.16
C ALA A 82 14.28 4.79 -7.32
N ILE A 83 14.18 6.08 -7.05
CA ILE A 83 13.17 6.58 -6.14
C ILE A 83 12.33 7.58 -6.90
N GLY A 84 11.01 7.39 -6.87
CA GLY A 84 10.10 8.37 -7.41
C GLY A 84 8.66 7.92 -7.30
N ASP A 85 7.81 8.51 -8.14
CA ASP A 85 6.40 8.10 -8.21
C ASP A 85 6.31 6.90 -9.15
N ILE A 86 6.90 5.78 -8.74
CA ILE A 86 7.08 4.62 -9.61
C ILE A 86 6.11 3.53 -9.16
N THR A 87 5.15 3.20 -10.03
CA THR A 87 4.10 2.27 -9.67
C THR A 87 4.66 0.85 -9.64
N VAL A 88 4.28 0.14 -8.59
CA VAL A 88 4.65 -1.27 -8.43
C VAL A 88 3.69 -2.11 -9.31
N THR A 89 4.22 -2.85 -10.28
CA THR A 89 3.34 -3.65 -11.16
C THR A 89 3.92 -5.04 -11.26
N SER A 90 3.08 -6.01 -11.60
N SER A 90 3.06 -6.00 -11.62
CA SER A 90 3.50 -7.41 -11.72
CA SER A 90 3.41 -7.40 -11.74
C SER A 90 4.59 -7.54 -12.77
C SER A 90 4.52 -7.59 -12.78
N ALA A 91 4.41 -6.88 -13.90
CA ALA A 91 5.39 -6.95 -14.98
C ALA A 91 6.77 -6.41 -14.56
N ARG A 92 6.81 -5.26 -13.87
CA ARG A 92 8.07 -4.74 -13.37
C ARG A 92 8.70 -5.69 -12.34
N ARG A 93 7.86 -6.33 -11.53
CA ARG A 93 8.38 -7.15 -10.41
C ARG A 93 9.08 -8.41 -10.92
N GLU A 94 8.78 -8.78 -12.17
CA GLU A 94 9.47 -9.91 -12.82
C GLU A 94 10.95 -9.55 -12.99
N ILE A 95 11.28 -8.27 -13.12
CA ILE A 95 12.67 -7.91 -13.42
C ILE A 95 13.43 -7.11 -12.38
N VAL A 96 12.72 -6.49 -11.44
CA VAL A 96 13.29 -5.78 -10.30
C VAL A 96 12.48 -6.10 -9.05
N ALA A 97 13.00 -5.75 -7.89
CA ALA A 97 12.20 -5.81 -6.67
C ALA A 97 11.80 -4.41 -6.30
N PHE A 98 10.86 -4.32 -5.36
CA PHE A 98 10.40 -3.05 -4.85
C PHE A 98 10.50 -3.04 -3.34
N SER A 99 10.80 -1.88 -2.78
CA SER A 99 10.81 -1.71 -1.35
C SER A 99 9.39 -1.72 -0.85
N ASN A 100 9.26 -1.75 0.44
CA ASN A 100 7.98 -1.46 1.04
CA ASN A 100 8.00 -1.44 1.03
C ASN A 100 7.45 -0.15 0.46
N SER A 101 6.12 -0.10 0.31
N SER A 101 6.13 -0.10 0.29
CA SER A 101 5.44 1.05 -0.28
CA SER A 101 5.51 1.04 -0.39
C SER A 101 5.79 2.38 0.37
C SER A 101 5.76 2.36 0.33
N ILE A 102 6.03 3.40 -0.43
CA ILE A 102 6.20 4.73 0.12
C ILE A 102 4.89 5.50 0.11
N SER A 103 3.89 4.98 -0.60
CA SER A 103 2.65 5.72 -0.74
C SER A 103 1.64 4.87 -1.48
N ASP A 104 0.38 5.04 -1.14
N ASP A 104 0.37 5.01 -1.13
CA ASP A 104 -0.70 4.53 -1.96
CA ASP A 104 -0.69 4.45 -1.95
C ASP A 104 -0.77 5.34 -3.27
C ASP A 104 -0.90 5.35 -3.18
N ASN A 105 -1.50 4.80 -4.23
CA ASN A 105 -1.68 5.52 -5.47
C ASN A 105 -2.97 5.05 -6.12
N SER A 106 -3.47 5.87 -7.02
CA SER A 106 -4.47 5.45 -8.00
C SER A 106 -4.36 6.43 -9.15
N MET A 107 -5.14 6.18 -10.20
CA MET A 107 -5.22 7.10 -11.32
C MET A 107 -6.55 7.78 -11.45
N ARG A 108 -6.52 8.94 -12.10
CA ARG A 108 -7.74 9.64 -12.47
C ARG A 108 -7.65 10.11 -13.92
N ILE A 109 -8.81 10.39 -14.49
CA ILE A 109 -8.90 10.92 -15.84
C ILE A 109 -8.73 12.42 -15.76
N LEU A 110 -7.82 12.93 -16.58
CA LEU A 110 -7.51 14.34 -16.70
C LEU A 110 -8.14 14.90 -17.99
N MET A 111 -8.75 16.08 -17.92
CA MET A 111 -9.39 16.67 -19.09
C MET A 111 -9.47 18.19 -18.95
N ARG A 112 -9.84 18.88 -20.03
CA ARG A 112 -10.13 20.31 -19.97
C ARG A 112 -11.47 20.56 -19.30
N LYS A 113 -11.57 21.59 -18.46
CA LYS A 113 -12.88 21.94 -17.92
C LYS A 113 -13.86 22.16 -19.07
N GLY A 114 -15.07 21.68 -18.88
CA GLY A 114 -16.13 21.88 -19.86
C GLY A 114 -16.36 20.63 -20.70
N THR A 115 -15.41 19.69 -20.68
CA THR A 115 -15.53 18.47 -21.48
C THR A 115 -16.56 17.55 -20.82
N LEU A 116 -17.45 16.94 -21.62
CA LEU A 116 -18.59 16.18 -21.07
C LEU A 116 -18.27 14.68 -20.96
N ILE A 117 -17.46 14.37 -19.97
CA ILE A 117 -17.09 12.99 -19.65
C ILE A 117 -17.61 12.67 -18.27
N ASP A 118 -18.34 11.58 -18.13
CA ASP A 118 -18.80 11.16 -16.80
C ASP A 118 -17.70 10.41 -16.05
N GLY A 119 -16.94 9.58 -16.78
CA GLY A 119 -15.92 8.76 -16.17
C GLY A 119 -15.41 7.69 -17.13
N MET A 120 -14.84 6.63 -16.58
CA MET A 120 -14.18 5.59 -17.38
C MET A 120 -15.10 4.87 -18.37
N ASP A 121 -16.37 4.71 -18.01
CA ASP A 121 -17.31 3.99 -18.88
C ASP A 121 -17.46 4.66 -20.25
N ASP A 122 -17.40 5.97 -20.28
CA ASP A 122 -17.46 6.70 -21.54
C ASP A 122 -16.30 6.28 -22.44
N LEU A 123 -15.13 6.07 -21.83
CA LEU A 123 -13.97 5.68 -22.61
C LEU A 123 -14.10 4.24 -23.09
N LYS A 124 -14.62 3.37 -22.23
CA LYS A 124 -14.81 1.97 -22.57
C LYS A 124 -15.93 1.79 -23.60
N ASN A 125 -16.90 2.71 -23.64
CA ASN A 125 -18.02 2.61 -24.58
C ASN A 125 -17.79 3.26 -25.94
N GLY A 126 -16.63 3.86 -26.14
CA GLY A 126 -16.33 4.47 -27.42
C GLY A 126 -16.93 5.84 -27.64
N LYS A 127 -17.17 6.58 -26.57
CA LYS A 127 -17.68 7.95 -26.68
C LYS A 127 -16.57 8.88 -27.18
N ILE A 128 -15.31 8.51 -26.94
CA ILE A 128 -14.16 9.31 -27.33
C ILE A 128 -13.30 8.59 -28.37
N PRO A 129 -13.09 9.22 -29.53
CA PRO A 129 -12.25 8.63 -30.58
C PRO A 129 -10.90 8.28 -30.00
N TYR A 130 -10.40 7.09 -30.30
CA TYR A 130 -9.27 6.60 -29.54
C TYR A 130 -8.01 7.44 -29.74
N ASN A 131 -7.88 8.10 -30.88
CA ASN A 131 -6.73 8.96 -31.12
C ASN A 131 -6.87 10.28 -30.34
N ARG A 132 -7.95 10.42 -29.58
CA ARG A 132 -8.11 11.60 -28.74
C ARG A 132 -8.01 11.19 -27.25
N ILE A 133 -7.52 9.99 -26.99
CA ILE A 133 -7.16 9.60 -25.63
C ILE A 133 -5.66 9.55 -25.57
N GLY A 134 -5.07 10.49 -24.84
CA GLY A 134 -3.64 10.54 -24.72
C GLY A 134 -3.13 9.64 -23.60
N ILE A 135 -2.17 8.81 -23.95
CA ILE A 135 -1.54 7.86 -23.03
C ILE A 135 -0.03 8.05 -23.02
N ARG A 136 0.53 8.27 -21.84
N ARG A 136 0.53 8.27 -21.84
CA ARG A 136 1.98 8.37 -21.73
CA ARG A 136 1.99 8.36 -21.71
C ARG A 136 2.60 6.98 -21.86
C ARG A 136 2.59 6.97 -21.85
N ILE A 137 3.41 6.78 -22.88
CA ILE A 137 3.99 5.46 -23.12
C ILE A 137 4.99 5.08 -22.02
N GLY A 138 5.10 3.78 -21.76
CA GLY A 138 6.01 3.24 -20.75
C GLY A 138 5.60 3.61 -19.34
N THR A 139 4.29 3.69 -19.13
CA THR A 139 3.75 3.95 -17.80
C THR A 139 2.66 2.95 -17.50
N ALA A 140 2.29 2.91 -16.24
CA ALA A 140 1.21 2.07 -15.77
C ALA A 140 -0.12 2.45 -16.40
N GLY A 141 -0.25 3.69 -16.83
CA GLY A 141 -1.42 4.11 -17.56
C GLY A 141 -1.58 3.36 -18.88
N GLU A 142 -0.47 3.16 -19.59
CA GLU A 142 -0.52 2.43 -20.85
C GLU A 142 -0.95 0.98 -20.59
N ASP A 143 -0.37 0.39 -19.55
CA ASP A 143 -0.69 -0.97 -19.16
C ASP A 143 -2.19 -1.10 -18.88
N TYR A 144 -2.75 -0.15 -18.14
CA TYR A 144 -4.19 -0.17 -17.81
C TYR A 144 -5.08 -0.04 -19.06
N TYR A 145 -4.76 0.92 -19.90
CA TYR A 145 -5.46 1.14 -21.15
C TYR A 145 -5.47 -0.14 -21.99
N LEU A 146 -4.31 -0.76 -22.15
CA LEU A 146 -4.24 -1.93 -23.01
C LEU A 146 -5.06 -3.07 -22.45
N ARG A 147 -5.11 -3.16 -21.12
CA ARG A 147 -5.74 -4.29 -20.44
C ARG A 147 -7.26 -4.12 -20.33
N GLU A 148 -7.70 -2.88 -20.06
CA GLU A 148 -9.10 -2.60 -19.72
C GLU A 148 -9.91 -1.87 -20.78
N ILE A 149 -9.23 -1.16 -21.68
CA ILE A 149 -9.97 -0.38 -22.67
C ILE A 149 -9.91 -0.95 -24.08
N SER A 150 -8.70 -1.20 -24.57
CA SER A 150 -8.53 -1.49 -26.00
C SER A 150 -8.24 -2.95 -26.35
N GLY A 151 -8.25 -3.84 -25.37
CA GLY A 151 -7.98 -5.25 -25.66
C GLY A 151 -6.62 -5.51 -26.30
N GLY A 152 -5.58 -4.85 -25.79
CA GLY A 152 -4.23 -5.06 -26.27
C GLY A 152 -3.86 -4.20 -27.47
N SER A 153 -4.79 -3.39 -27.95
CA SER A 153 -4.51 -2.58 -29.13
C SER A 153 -3.94 -1.20 -28.78
N ARG A 154 -2.76 -0.90 -29.32
N ARG A 154 -2.76 -0.90 -29.32
CA ARG A 154 -2.13 0.41 -29.14
CA ARG A 154 -2.12 0.39 -29.12
C ARG A 154 -2.69 1.46 -30.10
C ARG A 154 -2.69 1.45 -30.09
N ASN A 155 -3.94 1.85 -29.85
CA ASN A 155 -4.67 2.71 -30.77
C ASN A 155 -4.94 4.10 -30.15
N PHE A 156 -4.14 4.47 -29.15
CA PHE A 156 -4.28 5.73 -28.44
C PHE A 156 -3.35 6.76 -29.07
N TYR A 157 -3.45 7.99 -28.56
CA TYR A 157 -2.55 9.07 -28.94
C TYR A 157 -1.37 9.02 -27.98
N PRO A 158 -0.19 8.66 -28.51
CA PRO A 158 0.95 8.41 -27.64
C PRO A 158 1.60 9.73 -27.17
N LEU A 159 1.89 9.81 -25.87
CA LEU A 159 2.57 10.97 -25.29
C LEU A 159 3.92 10.58 -24.68
N LYS A 160 4.94 11.43 -24.85
CA LYS A 160 6.31 11.10 -24.41
C LYS A 160 6.78 11.83 -23.15
N SER A 161 6.05 12.86 -22.76
CA SER A 161 6.45 13.61 -21.61
C SER A 161 5.19 14.17 -21.03
N ARG A 162 5.26 14.62 -19.78
N ARG A 162 5.29 14.60 -19.78
CA ARG A 162 4.09 15.20 -19.18
CA ARG A 162 4.19 15.21 -19.09
C ARG A 162 3.78 16.50 -19.91
C ARG A 162 3.80 16.46 -19.89
N GLN A 163 4.82 17.19 -20.37
CA GLN A 163 4.59 18.45 -21.09
C GLN A 163 3.76 18.24 -22.38
N GLU A 164 4.05 17.17 -23.10
CA GLU A 164 3.30 16.85 -24.33
C GLU A 164 1.85 16.53 -23.99
N MET A 165 1.64 15.91 -22.83
CA MET A 165 0.27 15.70 -22.38
C MET A 165 -0.47 17.01 -22.13
N TYR A 166 0.14 17.95 -21.40
CA TYR A 166 -0.52 19.24 -21.15
C TYR A 166 -0.77 20.01 -22.45
N ASP A 167 0.26 20.10 -23.28
CA ASP A 167 0.18 20.81 -24.54
C ASP A 167 -0.95 20.26 -25.41
N SER A 168 -1.10 18.93 -25.43
CA SER A 168 -2.07 18.31 -26.33
C SER A 168 -3.48 18.52 -25.81
N LEU A 169 -3.65 18.47 -24.48
CA LEU A 169 -4.95 18.71 -23.91
C LEU A 169 -5.36 20.14 -24.09
N LEU A 170 -4.44 21.04 -23.81
CA LEU A 170 -4.73 22.48 -23.93
C LEU A 170 -5.01 22.89 -25.36
N ALA A 171 -4.25 22.33 -26.30
CA ALA A 171 -4.46 22.65 -27.72
C ALA A 171 -5.66 21.93 -28.33
N GLY A 172 -6.34 21.07 -27.56
CA GLY A 172 -7.49 20.39 -28.13
C GLY A 172 -7.17 19.25 -29.07
N ILE A 173 -5.95 18.72 -28.99
CA ILE A 173 -5.53 17.59 -29.83
C ILE A 173 -6.01 16.27 -29.23
N ILE A 174 -6.07 16.20 -27.90
CA ILE A 174 -6.72 15.09 -27.21
C ILE A 174 -7.80 15.63 -26.26
N ASP A 175 -8.73 14.75 -25.87
CA ASP A 175 -9.80 15.13 -24.96
C ASP A 175 -9.55 14.69 -23.52
N VAL A 176 -8.79 13.63 -23.34
CA VAL A 176 -8.52 13.11 -22.01
C VAL A 176 -7.15 12.47 -21.94
N SER A 177 -6.63 12.36 -20.73
N SER A 177 -6.64 12.36 -20.71
CA SER A 177 -5.48 11.52 -20.47
CA SER A 177 -5.41 11.64 -20.41
C SER A 177 -5.68 10.87 -19.09
C SER A 177 -5.49 11.10 -18.97
N PHE A 178 -4.70 10.08 -18.67
CA PHE A 178 -4.67 9.44 -17.34
C PHE A 178 -3.48 9.98 -16.59
N MET A 179 -3.64 10.22 -15.29
CA MET A 179 -2.51 10.59 -14.46
C MET A 179 -2.70 10.01 -13.06
N ASP A 180 -1.59 9.69 -12.42
CA ASP A 180 -1.62 9.39 -10.99
C ASP A 180 -2.28 10.55 -10.23
N ILE A 181 -3.01 10.20 -9.18
CA ILE A 181 -3.83 11.17 -8.47
C ILE A 181 -3.03 12.28 -7.77
N GLY A 182 -1.93 11.94 -7.12
CA GLY A 182 -1.13 12.94 -6.41
C GLY A 182 -0.66 14.05 -7.34
N THR A 183 0.00 13.68 -8.43
CA THR A 183 0.51 14.66 -9.37
C THR A 183 -0.61 15.31 -10.19
N ALA A 184 -1.68 14.57 -10.44
CA ALA A 184 -2.83 15.13 -11.16
C ALA A 184 -3.45 16.27 -10.34
N GLU A 185 -3.70 16.02 -9.06
CA GLU A 185 -4.24 17.05 -8.17
C GLU A 185 -3.30 18.25 -8.11
N TYR A 186 -2.00 18.00 -8.04
CA TYR A 186 -1.06 19.11 -8.00
C TYR A 186 -1.13 20.00 -9.24
N VAL A 187 -1.14 19.39 -10.41
N VAL A 187 -1.13 19.40 -10.42
CA VAL A 187 -1.18 20.17 -11.65
CA VAL A 187 -1.16 20.22 -11.63
C VAL A 187 -2.47 20.97 -11.75
C VAL A 187 -2.48 20.96 -11.84
N THR A 188 -3.60 20.32 -11.51
CA THR A 188 -4.88 20.98 -11.69
C THR A 188 -5.15 22.04 -10.61
N ASN A 189 -4.48 21.94 -9.47
CA ASN A 189 -4.63 22.94 -8.42
C ASN A 189 -3.60 24.07 -8.39
N ASN A 190 -2.50 23.93 -9.14
CA ASN A 190 -1.42 24.88 -9.05
C ASN A 190 -0.87 25.38 -10.38
N ILE A 191 -1.01 24.61 -11.45
CA ILE A 191 -0.30 24.92 -12.68
C ILE A 191 -1.24 25.20 -13.83
N TYR A 192 -2.12 24.25 -14.10
CA TYR A 192 -3.13 24.41 -15.15
C TYR A 192 -4.54 24.43 -14.60
N CYS A 193 -4.96 25.64 -14.23
CA CYS A 193 -6.22 25.87 -13.57
C CYS A 193 -7.46 25.53 -14.44
N ASN A 194 -7.28 25.44 -15.75
CA ASN A 194 -8.40 25.15 -16.67
C ASN A 194 -8.49 23.66 -16.97
N LEU A 195 -7.64 22.86 -16.35
CA LEU A 195 -7.76 21.40 -16.47
C LEU A 195 -8.42 20.89 -15.22
N THR A 196 -8.96 19.69 -15.28
CA THR A 196 -9.66 19.12 -14.13
C THR A 196 -9.63 17.61 -14.16
N LEU A 197 -9.94 17.00 -13.03
CA LEU A 197 -10.05 15.54 -12.91
C LEU A 197 -11.51 15.16 -12.90
N VAL A 198 -11.82 13.99 -13.43
CA VAL A 198 -13.19 13.53 -13.51
C VAL A 198 -13.27 12.02 -13.30
N GLY A 199 -14.36 11.56 -12.69
CA GLY A 199 -14.63 10.14 -12.56
C GLY A 199 -14.10 9.53 -11.28
N GLU A 200 -14.36 8.24 -11.07
CA GLU A 200 -13.82 7.53 -9.91
C GLU A 200 -12.35 7.25 -10.13
N ASP A 201 -11.55 7.17 -9.07
CA ASP A 201 -10.16 6.79 -9.32
C ASP A 201 -10.12 5.30 -9.69
N PHE A 202 -9.05 4.88 -10.36
CA PHE A 202 -8.99 3.51 -10.86
C PHE A 202 -7.57 3.03 -10.73
N ASP A 203 -7.37 1.73 -10.83
CA ASP A 203 -6.05 1.13 -10.76
C ASP A 203 -5.37 1.46 -9.44
N LYS A 204 -6.06 1.16 -8.35
CA LYS A 204 -5.44 1.34 -7.03
C LYS A 204 -4.15 0.53 -6.94
N SER A 205 -3.10 1.15 -6.44
CA SER A 205 -1.75 0.64 -6.57
C SER A 205 -0.88 1.22 -5.47
N THR A 206 0.44 1.06 -5.58
CA THR A 206 1.37 1.67 -4.63
C THR A 206 2.59 2.13 -5.39
N PHE A 207 3.32 3.07 -4.79
CA PHE A 207 4.68 3.45 -5.22
C PHE A 207 5.70 2.77 -4.33
N GLY A 208 6.82 2.35 -4.92
CA GLY A 208 7.88 1.68 -4.18
C GLY A 208 9.21 2.09 -4.77
N ILE A 209 10.26 2.00 -3.96
CA ILE A 209 11.61 2.23 -4.42
C ILE A 209 12.03 0.98 -5.14
N VAL A 210 12.56 1.18 -6.34
CA VAL A 210 13.07 0.09 -7.16
C VAL A 210 14.45 -0.31 -6.69
N THR A 211 14.63 -1.62 -6.51
CA THR A 211 15.91 -2.19 -6.18
C THR A 211 16.21 -3.42 -7.05
N PRO A 212 17.47 -3.85 -7.09
CA PRO A 212 17.73 -5.12 -7.78
C PRO A 212 16.95 -6.27 -7.12
N LYS A 213 16.64 -7.31 -7.89
CA LYS A 213 16.12 -8.54 -7.30
C LYS A 213 17.12 -9.17 -6.35
N GLU A 214 16.61 -9.81 -5.29
CA GLU A 214 17.48 -10.48 -4.32
C GLU A 214 18.57 -9.53 -3.83
N TRP A 215 18.20 -8.31 -3.48
CA TRP A 215 19.20 -7.30 -3.09
C TRP A 215 19.75 -7.55 -1.68
N LEU A 216 21.06 -7.45 -1.53
CA LEU A 216 21.71 -7.63 -0.23
C LEU A 216 21.13 -6.70 0.85
N TYR A 217 20.69 -5.51 0.45
CA TYR A 217 20.33 -4.47 1.41
C TYR A 217 18.83 -4.30 1.59
N ALA A 218 18.05 -5.29 1.16
CA ALA A 218 16.60 -5.11 1.10
C ALA A 218 15.97 -4.82 2.47
N LYS A 219 16.38 -5.58 3.47
CA LYS A 219 15.84 -5.42 4.83
C LYS A 219 16.16 -4.03 5.39
N ASP A 220 17.39 -3.58 5.23
CA ASP A 220 17.84 -2.30 5.77
C ASP A 220 16.98 -1.16 5.19
N LEU A 221 16.74 -1.19 3.89
CA LEU A 221 15.94 -0.13 3.29
C LEU A 221 14.49 -0.21 3.73
N ASP A 222 13.94 -1.42 3.75
CA ASP A 222 12.54 -1.60 4.16
C ASP A 222 12.29 -1.19 5.62
N VAL A 223 13.18 -1.55 6.53
CA VAL A 223 12.97 -1.25 7.93
C VAL A 223 12.96 0.27 8.08
N ASN A 224 13.81 0.91 7.31
CA ASN A 224 13.95 2.34 7.40
C ASN A 224 12.76 3.10 6.79
N ILE A 225 12.26 2.65 5.63
CA ILE A 225 11.02 3.17 5.08
C ILE A 225 9.86 3.03 6.04
N LEU A 226 9.70 1.84 6.63
CA LEU A 226 8.59 1.63 7.56
C LEU A 226 8.76 2.53 8.78
N SER A 227 9.98 2.76 9.23
CA SER A 227 10.20 3.65 10.35
C SER A 227 9.76 5.11 10.02
N LEU A 228 10.12 5.60 8.84
CA LEU A 228 9.65 6.92 8.36
C LEU A 228 8.12 6.98 8.30
N ARG A 229 7.46 5.91 7.93
N ARG A 229 7.51 5.85 7.95
CA ARG A 229 6.00 5.94 7.96
CA ARG A 229 6.05 5.68 7.85
C ARG A 229 5.58 6.11 9.40
C ARG A 229 5.39 5.81 9.23
N GLU A 230 6.01 5.16 10.22
CA GLU A 230 5.53 5.08 11.58
C GLU A 230 5.69 6.37 12.37
N THR A 231 6.80 7.04 12.17
CA THR A 231 7.05 8.26 12.90
C THR A 231 6.44 9.50 12.24
N GLY A 232 5.71 9.33 11.14
CA GLY A 232 4.99 10.43 10.50
C GLY A 232 5.76 11.24 9.46
N ILE A 233 6.97 10.83 9.12
CA ILE A 233 7.82 11.61 8.21
C ILE A 233 7.24 11.57 6.80
N LEU A 234 6.77 10.41 6.35
CA LEU A 234 6.21 10.36 5.01
C LEU A 234 4.96 11.28 4.90
N ASP A 235 4.11 11.25 5.92
CA ASP A 235 2.94 12.14 5.98
CA ASP A 235 2.95 12.14 5.99
C ASP A 235 3.39 13.61 5.94
N ASN A 236 4.40 13.97 6.73
CA ASN A 236 4.91 15.34 6.77
C ASN A 236 5.37 15.74 5.39
N LEU A 237 6.05 14.82 4.72
CA LEU A 237 6.58 15.12 3.37
C LEU A 237 5.46 15.29 2.35
N LYS A 238 4.43 14.47 2.49
CA LYS A 238 3.28 14.58 1.60
C LYS A 238 2.63 15.93 1.81
N LYS A 239 2.45 16.33 3.08
CA LYS A 239 1.86 17.64 3.39
C LYS A 239 2.68 18.79 2.83
N LYS A 240 3.99 18.72 3.03
CA LYS A 240 4.90 19.76 2.55
C LYS A 240 4.78 20.04 1.04
N TRP A 241 4.79 18.97 0.26
CA TRP A 241 4.96 19.06 -1.20
C TRP A 241 3.62 19.10 -1.96
N PHE A 242 2.54 18.57 -1.37
CA PHE A 242 1.29 18.40 -2.09
C PHE A 242 0.07 19.20 -1.57
N GLN A 243 0.19 19.94 -0.48
CA GLN A 243 -0.99 20.61 0.04
C GLN A 243 -1.26 22.02 -0.48
N THR A 244 -0.57 22.41 -1.54
CA THR A 244 -0.70 23.74 -2.10
C THR A 244 -1.85 23.85 -3.09
N LYS A 245 -2.53 24.98 -3.11
CA LYS A 245 -3.52 25.26 -4.15
C LYS A 245 -3.47 26.73 -4.60
N ALA A 246 -2.69 26.99 -5.65
CA ALA A 246 -2.51 28.35 -6.18
C ALA A 246 -3.69 28.80 -7.04
N CYS A 247 -4.35 27.85 -7.71
CA CYS A 247 -5.50 28.17 -8.55
C CYS A 247 -6.67 28.71 -7.75
N PRO A 248 -7.37 29.72 -8.29
CA PRO A 248 -8.49 30.29 -7.55
C PRO A 248 -9.63 29.29 -7.42
N GLY B 1 18.88 -17.28 -5.06
CA GLY B 1 18.15 -17.79 -6.25
C GLY B 1 16.66 -17.55 -6.08
N SER B 2 15.90 -17.90 -7.13
CA SER B 2 14.43 -17.84 -7.07
C SER B 2 13.80 -19.05 -7.77
N ALA B 3 12.60 -19.43 -7.35
CA ALA B 3 11.95 -20.60 -7.91
C ALA B 3 10.44 -20.46 -7.89
N ARG B 4 9.76 -21.36 -8.59
CA ARG B 4 8.30 -21.41 -8.57
C ARG B 4 7.79 -22.27 -7.42
N LEU B 5 6.62 -21.91 -6.89
CA LEU B 5 6.00 -22.70 -5.83
C LEU B 5 5.21 -23.89 -6.37
N LYS B 6 5.15 -24.03 -7.69
CA LYS B 6 4.40 -25.15 -8.25
C LYS B 6 4.91 -26.47 -7.69
N GLY B 7 3.99 -27.28 -7.14
CA GLY B 7 4.38 -28.57 -6.59
C GLY B 7 4.84 -28.53 -5.12
N ILE B 8 5.04 -27.34 -4.56
CA ILE B 8 5.60 -27.21 -3.21
C ILE B 8 4.47 -27.18 -2.17
N THR B 9 4.67 -27.84 -1.02
CA THR B 9 3.70 -27.76 0.06
C THR B 9 4.04 -26.55 0.92
N LEU B 10 3.06 -25.70 1.16
CA LEU B 10 3.27 -24.57 2.07
C LEU B 10 2.40 -24.74 3.28
N ARG B 11 3.04 -24.72 4.45
N ARG B 11 3.03 -24.72 4.46
CA ARG B 11 2.34 -24.56 5.71
CA ARG B 11 2.29 -24.58 5.70
C ARG B 11 2.01 -23.07 5.84
C ARG B 11 1.99 -23.09 5.88
N ILE B 12 0.71 -22.77 5.83
CA ILE B 12 0.21 -21.43 5.81
C ILE B 12 -0.49 -21.15 7.13
N GLY B 13 0.11 -20.28 7.92
CA GLY B 13 -0.49 -19.86 9.17
C GLY B 13 -1.59 -18.84 8.93
N VAL B 14 -2.74 -19.06 9.58
CA VAL B 14 -3.85 -18.10 9.54
C VAL B 14 -4.30 -17.84 10.99
N ILE B 15 -4.99 -16.73 11.21
CA ILE B 15 -5.35 -16.32 12.56
C ILE B 15 -6.80 -15.85 12.54
N GLU B 16 -7.59 -16.29 13.51
CA GLU B 16 -9.02 -15.97 13.55
C GLU B 16 -9.24 -14.47 13.61
N SER B 17 -10.06 -13.95 12.69
CA SER B 17 -10.38 -12.53 12.64
C SER B 17 -11.48 -12.33 11.60
N VAL B 18 -12.73 -12.27 12.03
CA VAL B 18 -13.87 -12.19 11.11
C VAL B 18 -13.88 -10.83 10.40
N PRO B 19 -14.08 -10.80 9.06
CA PRO B 19 -14.35 -11.86 8.08
C PRO B 19 -13.14 -12.26 7.23
N PHE B 20 -11.93 -11.98 7.72
CA PHE B 20 -10.72 -12.48 7.07
C PHE B 20 -10.60 -13.99 7.23
N THR B 21 -10.66 -14.45 8.47
CA THR B 21 -10.54 -15.89 8.74
C THR B 21 -11.59 -16.22 9.79
N ILE B 22 -12.59 -16.99 9.36
CA ILE B 22 -13.81 -17.26 10.14
C ILE B 22 -13.76 -18.73 10.55
N VAL B 23 -13.86 -19.00 11.84
CA VAL B 23 -13.70 -20.35 12.33
C VAL B 23 -15.07 -20.82 12.77
N ALA B 24 -15.54 -21.90 12.17
CA ALA B 24 -16.84 -22.45 12.55
C ALA B 24 -16.63 -23.82 13.17
N ASN B 25 -17.23 -24.05 14.35
CA ASN B 25 -17.26 -25.39 14.90
C ASN B 25 -18.45 -26.11 14.32
N VAL B 26 -18.19 -27.29 13.78
CA VAL B 26 -19.20 -28.08 13.12
C VAL B 26 -19.07 -29.53 13.59
N ILE B 27 -20.14 -30.30 13.42
CA ILE B 27 -20.10 -31.72 13.73
C ILE B 27 -20.49 -32.46 12.47
N ASP B 28 -19.50 -33.06 11.82
CA ASP B 28 -19.72 -33.66 10.52
C ASP B 28 -18.60 -34.64 10.15
N GLY B 31 -20.29 -37.58 12.49
CA GLY B 31 -20.74 -37.23 13.82
C GLY B 31 -19.60 -36.69 14.69
N ARG B 32 -18.49 -36.33 14.04
CA ARG B 32 -17.31 -35.87 14.75
C ARG B 32 -17.15 -34.35 14.67
N ASN B 33 -16.67 -33.75 15.76
CA ASN B 33 -16.48 -32.32 15.83
C ASN B 33 -15.27 -31.93 15.00
N THR B 34 -15.42 -30.90 14.18
CA THR B 34 -14.32 -30.43 13.35
C THR B 34 -14.48 -28.92 13.15
N THR B 35 -13.45 -28.29 12.60
CA THR B 35 -13.53 -26.86 12.39
C THR B 35 -13.58 -26.60 10.89
N LYS B 36 -14.34 -25.60 10.47
CA LYS B 36 -14.36 -25.22 9.07
C LYS B 36 -13.89 -23.77 8.97
N LEU B 37 -12.93 -23.50 8.09
CA LEU B 37 -12.44 -22.13 7.86
C LEU B 37 -13.00 -21.56 6.58
N THR B 38 -13.47 -20.33 6.65
CA THR B 38 -13.93 -19.59 5.49
C THR B 38 -13.50 -18.15 5.67
N GLY B 39 -13.74 -17.35 4.64
CA GLY B 39 -13.45 -15.93 4.69
C GLY B 39 -12.54 -15.43 3.57
N TYR B 40 -12.29 -14.12 3.59
CA TYR B 40 -11.44 -13.46 2.60
C TYR B 40 -10.10 -14.18 2.46
N VAL B 41 -9.49 -14.57 3.58
CA VAL B 41 -8.15 -15.20 3.54
C VAL B 41 -8.22 -16.57 2.84
N LEU B 42 -9.26 -17.33 3.12
CA LEU B 42 -9.33 -18.67 2.56
C LEU B 42 -9.62 -18.60 1.05
N ASP B 43 -10.39 -17.61 0.65
CA ASP B 43 -10.64 -17.37 -0.78
C ASP B 43 -9.35 -16.94 -1.48
N LEU B 44 -8.59 -16.08 -0.84
CA LEU B 44 -7.31 -15.62 -1.37
C LEU B 44 -6.37 -16.79 -1.55
N ILE B 45 -6.27 -17.62 -0.52
CA ILE B 45 -5.49 -18.86 -0.59
C ILE B 45 -5.92 -19.73 -1.79
N GLU B 46 -7.21 -19.92 -2.00
CA GLU B 46 -7.68 -20.70 -3.15
C GLU B 46 -7.26 -20.08 -4.51
N TYR B 47 -7.35 -18.75 -4.66
CA TYR B 47 -6.93 -18.09 -5.92
C TYR B 47 -5.45 -18.34 -6.17
N LEU B 48 -4.65 -18.20 -5.12
CA LEU B 48 -3.20 -18.36 -5.24
C LEU B 48 -2.81 -19.81 -5.51
N ARG B 49 -3.47 -20.73 -4.81
CA ARG B 49 -3.24 -22.16 -5.04
C ARG B 49 -3.56 -22.54 -6.48
N ASP B 50 -4.70 -22.11 -6.96
CA ASP B 50 -5.10 -22.46 -8.31
C ASP B 50 -4.11 -21.87 -9.33
N LYS B 51 -3.67 -20.65 -9.09
CA LYS B 51 -2.78 -19.95 -10.02
C LYS B 51 -1.32 -20.44 -9.92
N MET B 52 -0.88 -20.78 -8.71
CA MET B 52 0.53 -21.06 -8.45
C MET B 52 0.86 -22.56 -8.31
N GLY B 53 -0.13 -23.40 -7.97
CA GLY B 53 0.05 -24.83 -7.95
C GLY B 53 0.72 -25.42 -6.73
N PHE B 54 0.88 -24.64 -5.65
CA PHE B 54 1.40 -25.19 -4.39
C PHE B 54 0.31 -26.02 -3.73
N VAL B 55 0.69 -26.84 -2.76
CA VAL B 55 -0.30 -27.55 -1.94
C VAL B 55 -0.47 -26.74 -0.69
N ALA B 56 -1.67 -26.26 -0.43
CA ALA B 56 -1.89 -25.43 0.75
C ALA B 56 -2.16 -26.30 1.98
N ASP B 57 -1.32 -26.14 3.00
CA ASP B 57 -1.53 -26.79 4.29
C ASP B 57 -1.88 -25.73 5.30
N VAL B 58 -3.17 -25.46 5.44
CA VAL B 58 -3.59 -24.27 6.18
C VAL B 58 -3.67 -24.61 7.68
N GLN B 59 -3.02 -23.82 8.50
CA GLN B 59 -2.90 -24.16 9.92
C GLN B 59 -3.37 -22.95 10.73
N LEU B 60 -4.46 -23.13 11.47
CA LEU B 60 -5.03 -22.07 12.30
C LEU B 60 -4.18 -21.86 13.54
N ALA B 61 -3.79 -20.63 13.84
CA ALA B 61 -3.02 -20.35 15.04
C ALA B 61 -3.86 -20.71 16.26
N PRO B 62 -3.23 -21.20 17.33
CA PRO B 62 -3.95 -21.53 18.57
C PRO B 62 -4.72 -20.34 19.15
N PRO B 63 -5.72 -20.62 20.00
CA PRO B 63 -6.48 -19.50 20.56
C PRO B 63 -5.61 -18.52 21.36
N ASN B 64 -5.97 -17.24 21.31
CA ASN B 64 -5.23 -16.19 22.01
C ASN B 64 -3.77 -15.99 21.54
N THR B 65 -3.41 -16.56 20.39
CA THR B 65 -2.14 -16.20 19.70
C THR B 65 -2.26 -14.74 19.30
N SER B 66 -1.19 -13.97 19.52
CA SER B 66 -1.18 -12.58 19.12
C SER B 66 -0.64 -12.50 17.69
N TYR B 67 -0.76 -11.34 17.06
CA TYR B 67 -0.24 -11.18 15.71
C TYR B 67 1.30 -11.22 15.77
N THR B 68 1.86 -10.60 16.79
CA THR B 68 3.28 -10.74 17.03
C THR B 68 3.71 -12.18 17.22
N GLY B 69 2.93 -12.97 17.98
CA GLY B 69 3.24 -14.38 18.23
C GLY B 69 3.23 -15.21 16.94
N LEU B 70 2.29 -14.90 16.06
CA LEU B 70 2.22 -15.54 14.76
C LEU B 70 3.49 -15.26 13.89
N VAL B 71 3.91 -14.00 13.84
CA VAL B 71 5.14 -13.60 13.17
C VAL B 71 6.38 -14.28 13.75
N LEU B 72 6.51 -14.30 15.09
CA LEU B 72 7.60 -14.98 15.75
C LEU B 72 7.59 -16.48 15.46
N ALA B 73 6.42 -17.07 15.41
CA ALA B 73 6.30 -18.50 15.16
C ALA B 73 6.79 -18.82 13.76
N LEU B 74 6.43 -17.98 12.78
CA LEU B 74 6.95 -18.13 11.44
C LEU B 74 8.45 -17.94 11.38
N ALA B 75 8.98 -16.93 12.06
CA ALA B 75 10.42 -16.68 12.03
C ALA B 75 11.16 -17.88 12.60
N ASN B 76 10.53 -18.55 13.57
CA ASN B 76 11.12 -19.71 14.19
C ASN B 76 10.92 -21.01 13.39
N GLY B 77 10.25 -20.92 12.24
CA GLY B 77 10.09 -22.07 11.35
C GLY B 77 8.80 -22.87 11.48
N ASP B 78 7.84 -22.42 12.29
CA ASP B 78 6.58 -23.14 12.48
C ASP B 78 5.62 -23.08 11.30
N TYR B 79 5.79 -22.10 10.41
CA TYR B 79 4.95 -21.95 9.22
C TYR B 79 5.89 -21.52 8.10
N ASP B 80 5.47 -21.68 6.85
CA ASP B 80 6.23 -21.23 5.70
C ASP B 80 5.80 -19.80 5.34
N ILE B 81 4.50 -19.55 5.29
CA ILE B 81 3.98 -18.19 5.13
C ILE B 81 2.81 -18.00 6.09
N ALA B 82 2.39 -16.75 6.27
CA ALA B 82 1.26 -16.45 7.11
C ALA B 82 0.44 -15.37 6.42
N ILE B 83 -0.85 -15.62 6.31
CA ILE B 83 -1.76 -14.76 5.55
C ILE B 83 -2.91 -14.34 6.47
N GLY B 84 -3.10 -13.04 6.56
CA GLY B 84 -4.17 -12.49 7.35
C GLY B 84 -4.16 -10.98 7.31
N ASP B 85 -4.91 -10.40 8.26
CA ASP B 85 -4.92 -8.98 8.44
C ASP B 85 -3.68 -8.57 9.29
N ILE B 86 -2.51 -8.76 8.72
CA ILE B 86 -1.24 -8.64 9.42
C ILE B 86 -0.50 -7.41 8.94
N THR B 87 -0.35 -6.44 9.84
CA THR B 87 0.17 -5.16 9.52
C THR B 87 1.67 -5.25 9.31
N VAL B 88 2.12 -4.58 8.27
CA VAL B 88 3.55 -4.52 8.01
C VAL B 88 4.17 -3.45 8.93
N THR B 89 5.11 -3.85 9.80
CA THR B 89 5.74 -2.88 10.71
C THR B 89 7.25 -3.00 10.62
N SER B 90 7.94 -1.95 11.03
CA SER B 90 9.41 -1.95 10.98
CA SER B 90 9.41 -1.93 11.00
C SER B 90 10.03 -3.03 11.88
N ALA B 91 9.47 -3.21 13.06
CA ALA B 91 9.98 -4.23 13.97
C ALA B 91 9.77 -5.66 13.41
N ARG B 92 8.63 -5.92 12.77
CA ARG B 92 8.41 -7.24 12.16
C ARG B 92 9.34 -7.44 10.98
N ARG B 93 9.51 -6.39 10.18
CA ARG B 93 10.33 -6.46 8.96
C ARG B 93 11.79 -6.79 9.30
N GLU B 94 12.20 -6.51 10.54
CA GLU B 94 13.56 -6.82 10.98
C GLU B 94 13.74 -8.35 11.00
N ILE B 95 12.66 -9.09 11.19
CA ILE B 95 12.77 -10.55 11.41
C ILE B 95 12.08 -11.46 10.36
N VAL B 96 11.20 -10.88 9.54
CA VAL B 96 10.54 -11.61 8.46
C VAL B 96 10.39 -10.66 7.28
N ALA B 97 10.13 -11.20 6.10
CA ALA B 97 9.83 -10.38 4.94
C ALA B 97 8.32 -10.32 4.72
N PHE B 98 7.86 -9.38 3.90
CA PHE B 98 6.45 -9.33 3.56
C PHE B 98 6.28 -9.31 2.07
N SER B 99 5.18 -9.85 1.59
CA SER B 99 4.80 -9.75 0.17
C SER B 99 4.41 -8.32 -0.13
N ASN B 100 4.25 -8.01 -1.39
CA ASN B 100 3.57 -6.80 -1.75
C ASN B 100 2.27 -6.75 -0.97
N SER B 101 1.85 -5.52 -0.73
N SER B 101 1.85 -5.53 -0.66
CA SER B 101 0.66 -5.26 0.06
CA SER B 101 0.71 -5.38 0.21
C SER B 101 -0.58 -5.88 -0.55
C SER B 101 -0.56 -5.83 -0.48
N ILE B 102 -1.38 -6.54 0.29
CA ILE B 102 -2.71 -7.00 -0.17
C ILE B 102 -3.82 -6.02 0.15
N SER B 103 -3.52 -4.99 0.94
CA SER B 103 -4.55 -4.05 1.32
C SER B 103 -3.95 -2.86 2.03
N ASP B 104 -4.55 -1.70 1.81
CA ASP B 104 -4.25 -0.56 2.68
C ASP B 104 -4.94 -0.76 4.01
N ASN B 105 -4.55 0.05 4.99
CA ASN B 105 -5.08 -0.13 6.34
C ASN B 105 -4.93 1.16 7.13
N SER B 106 -5.73 1.29 8.17
CA SER B 106 -5.58 2.35 9.17
C SER B 106 -6.35 1.84 10.36
N MET B 107 -6.32 2.57 11.48
CA MET B 107 -7.06 2.20 12.66
C MET B 107 -8.11 3.23 12.98
N ARG B 108 -9.14 2.79 13.70
CA ARG B 108 -10.14 3.68 14.27
C ARG B 108 -10.40 3.35 15.74
N ILE B 109 -10.97 4.31 16.46
CA ILE B 109 -11.34 4.14 17.84
C ILE B 109 -12.74 3.56 17.88
N LEU B 110 -12.86 2.49 18.65
CA LEU B 110 -14.12 1.80 18.88
C LEU B 110 -14.64 2.14 20.27
N MET B 111 -15.93 2.48 20.38
CA MET B 111 -16.54 2.72 21.68
C MET B 111 -18.01 2.30 21.74
N ARG B 112 -18.54 2.21 22.95
CA ARG B 112 -19.98 2.07 23.16
C ARG B 112 -20.67 3.34 22.67
N LYS B 113 -21.81 3.19 22.02
CA LYS B 113 -22.60 4.36 21.67
C LYS B 113 -22.98 5.15 22.93
N GLY B 114 -22.93 6.48 22.81
CA GLY B 114 -23.29 7.34 23.94
C GLY B 114 -22.09 7.75 24.78
N THR B 115 -20.95 7.13 24.56
CA THR B 115 -19.75 7.49 25.29
C THR B 115 -19.30 8.90 24.91
N LEU B 116 -18.91 9.69 25.90
CA LEU B 116 -18.65 11.12 25.69
C LEU B 116 -17.20 11.38 25.29
N ILE B 117 -16.86 10.86 24.11
CA ILE B 117 -15.53 10.91 23.53
C ILE B 117 -15.74 11.41 22.10
N ASP B 118 -14.84 12.26 21.59
CA ASP B 118 -15.00 12.74 20.22
C ASP B 118 -13.81 12.36 19.32
N GLY B 119 -12.76 11.83 19.92
CA GLY B 119 -11.66 11.31 19.11
C GLY B 119 -10.36 11.14 19.88
N MET B 120 -9.27 11.00 19.13
CA MET B 120 -7.95 10.74 19.69
C MET B 120 -7.46 11.82 20.62
N ASP B 121 -7.88 13.06 20.39
CA ASP B 121 -7.44 14.13 21.27
C ASP B 121 -7.89 13.85 22.70
N ASP B 122 -9.08 13.26 22.86
CA ASP B 122 -9.56 12.99 24.21
C ASP B 122 -8.70 11.92 24.88
N LEU B 123 -8.22 10.94 24.10
CA LEU B 123 -7.37 9.90 24.67
C LEU B 123 -6.00 10.44 25.02
N LYS B 124 -5.48 11.35 24.21
CA LYS B 124 -4.14 11.87 24.42
C LYS B 124 -4.11 12.88 25.55
N ASN B 125 -5.24 13.53 25.78
CA ASN B 125 -5.35 14.51 26.85
C ASN B 125 -5.83 13.90 28.15
N GLY B 126 -6.07 12.59 28.17
CA GLY B 126 -6.36 11.93 29.42
C GLY B 126 -7.80 12.06 29.91
N LYS B 127 -8.76 12.23 29.00
CA LYS B 127 -10.16 12.27 29.39
C LYS B 127 -10.63 10.91 29.88
N ILE B 128 -10.01 9.86 29.34
CA ILE B 128 -10.31 8.49 29.74
C ILE B 128 -9.16 7.96 30.59
N PRO B 129 -9.44 7.39 31.77
CA PRO B 129 -8.32 6.77 32.48
C PRO B 129 -7.62 5.73 31.58
N TYR B 130 -6.31 5.62 31.65
CA TYR B 130 -5.58 4.80 30.66
C TYR B 130 -5.87 3.33 30.82
N ASN B 131 -6.19 2.92 32.03
CA ASN B 131 -6.56 1.53 32.25
C ASN B 131 -8.00 1.25 31.82
N ARG B 132 -8.66 2.23 31.19
CA ARG B 132 -9.97 1.96 30.56
C ARG B 132 -9.86 2.07 29.03
N ILE B 133 -8.64 2.12 28.50
CA ILE B 133 -8.41 1.98 27.07
C ILE B 133 -7.96 0.52 26.87
N GLY B 134 -8.77 -0.26 26.16
CA GLY B 134 -8.41 -1.63 25.86
C GLY B 134 -7.55 -1.77 24.63
N ILE B 135 -6.40 -2.45 24.80
CA ILE B 135 -5.46 -2.64 23.71
C ILE B 135 -5.13 -4.13 23.54
N ARG B 136 -5.27 -4.62 22.31
CA ARG B 136 -4.98 -6.02 22.06
C ARG B 136 -3.48 -6.20 22.02
N ILE B 137 -2.96 -6.97 22.96
CA ILE B 137 -1.52 -7.14 23.08
C ILE B 137 -0.93 -7.90 21.91
N GLY B 138 0.31 -7.56 21.58
CA GLY B 138 1.00 -8.16 20.45
C GLY B 138 0.41 -7.75 19.10
N THR B 139 0.05 -6.48 18.96
CA THR B 139 -0.51 -5.97 17.75
C THR B 139 0.04 -4.60 17.46
N ALA B 140 -0.17 -4.17 16.23
CA ALA B 140 0.22 -2.85 15.78
C ALA B 140 -0.47 -1.76 16.57
N GLY B 141 -1.66 -2.04 17.05
CA GLY B 141 -2.33 -1.07 17.90
C GLY B 141 -1.61 -0.85 19.22
N GLU B 142 -1.07 -1.92 19.81
CA GLU B 142 -0.22 -1.76 20.98
C GLU B 142 1.03 -0.90 20.65
N ASP B 143 1.64 -1.16 19.51
CA ASP B 143 2.85 -0.39 19.11
C ASP B 143 2.52 1.09 19.04
N TYR B 144 1.42 1.42 18.37
CA TYR B 144 0.98 2.80 18.21
C TYR B 144 0.75 3.45 19.58
N TYR B 145 -0.02 2.77 20.43
CA TYR B 145 -0.32 3.26 21.75
C TYR B 145 0.97 3.56 22.48
N LEU B 146 1.90 2.62 22.49
CA LEU B 146 3.13 2.80 23.26
C LEU B 146 3.98 3.97 22.71
N ARG B 147 3.99 4.14 21.40
CA ARG B 147 4.77 5.19 20.75
C ARG B 147 4.13 6.58 20.87
N GLU B 148 2.81 6.67 20.73
CA GLU B 148 2.09 7.96 20.61
C GLU B 148 1.27 8.39 21.82
N ILE B 149 0.86 7.45 22.65
CA ILE B 149 -0.03 7.79 23.76
C ILE B 149 0.70 7.75 25.10
N SER B 150 1.34 6.62 25.42
CA SER B 150 1.84 6.40 26.76
C SER B 150 3.35 6.47 26.94
N GLY B 151 4.11 6.73 25.89
CA GLY B 151 5.57 6.78 26.00
C GLY B 151 6.27 5.54 26.52
N GLY B 152 5.77 4.35 26.18
CA GLY B 152 6.46 3.11 26.54
C GLY B 152 5.78 2.28 27.61
N SER B 153 4.88 2.89 28.37
CA SER B 153 4.27 2.21 29.49
C SER B 153 3.00 1.48 29.09
N ARG B 154 2.93 0.18 29.38
CA ARG B 154 1.71 -0.58 29.08
C ARG B 154 0.73 -0.33 30.21
N ASN B 155 0.14 0.85 30.19
CA ASN B 155 -0.79 1.27 31.25
C ASN B 155 -2.23 1.11 30.81
N PHE B 156 -2.42 0.46 29.66
CA PHE B 156 -3.74 0.19 29.10
C PHE B 156 -4.36 -1.03 29.76
N TYR B 157 -5.59 -1.35 29.38
CA TYR B 157 -6.21 -2.59 29.80
C TYR B 157 -5.95 -3.67 28.73
N PRO B 158 -5.20 -4.73 29.07
CA PRO B 158 -4.79 -5.69 28.02
C PRO B 158 -5.90 -6.61 27.52
N LEU B 159 -5.89 -6.93 26.22
CA LEU B 159 -6.90 -7.81 25.65
C LEU B 159 -6.26 -8.93 24.84
N LYS B 160 -6.78 -10.15 24.94
CA LYS B 160 -6.15 -11.30 24.27
C LYS B 160 -6.88 -11.77 23.00
N SER B 161 -8.08 -11.25 22.76
CA SER B 161 -8.85 -11.68 21.60
C SER B 161 -9.90 -10.63 21.37
N ARG B 162 -10.51 -10.67 20.19
CA ARG B 162 -11.63 -9.80 19.87
C ARG B 162 -12.81 -10.06 20.81
N GLN B 163 -12.94 -11.30 21.30
CA GLN B 163 -14.05 -11.63 22.19
C GLN B 163 -13.89 -10.86 23.51
N GLU B 164 -12.67 -10.84 24.04
CA GLU B 164 -12.41 -10.11 25.28
C GLU B 164 -12.63 -8.62 25.11
N MET B 165 -12.31 -8.08 23.94
CA MET B 165 -12.62 -6.68 23.66
C MET B 165 -14.13 -6.46 23.74
N TYR B 166 -14.88 -7.31 23.04
CA TYR B 166 -16.32 -7.23 23.05
C TYR B 166 -16.83 -7.19 24.48
N ASP B 167 -16.51 -8.24 25.22
CA ASP B 167 -17.09 -8.43 26.56
C ASP B 167 -16.71 -7.32 27.51
N SER B 168 -15.50 -6.79 27.34
CA SER B 168 -14.99 -5.75 28.22
C SER B 168 -15.68 -4.43 27.94
N LEU B 169 -15.88 -4.13 26.66
CA LEU B 169 -16.55 -2.89 26.26
C LEU B 169 -18.00 -2.93 26.70
N LEU B 170 -18.64 -4.06 26.43
CA LEU B 170 -20.06 -4.19 26.72
C LEU B 170 -20.28 -4.25 28.22
N ALA B 171 -19.40 -4.93 28.95
CA ALA B 171 -19.51 -5.01 30.41
C ALA B 171 -18.97 -3.75 31.12
N GLY B 172 -18.58 -2.76 30.34
CA GLY B 172 -18.19 -1.46 30.88
C GLY B 172 -16.87 -1.48 31.62
N ILE B 173 -16.04 -2.49 31.37
CA ILE B 173 -14.71 -2.55 31.96
C ILE B 173 -13.72 -1.60 31.27
N ILE B 174 -13.91 -1.37 29.97
CA ILE B 174 -13.13 -0.36 29.27
C ILE B 174 -14.07 0.53 28.51
N ASP B 175 -13.58 1.70 28.12
CA ASP B 175 -14.39 2.70 27.42
C ASP B 175 -14.12 2.75 25.93
N VAL B 176 -12.89 2.42 25.54
CA VAL B 176 -12.52 2.43 24.13
C VAL B 176 -11.52 1.33 23.83
N SER B 177 -11.39 1.04 22.55
CA SER B 177 -10.37 0.15 22.05
C SER B 177 -9.99 0.61 20.63
N PHE B 178 -8.90 0.06 20.08
CA PHE B 178 -8.40 0.33 18.73
C PHE B 178 -8.56 -0.90 17.87
N MET B 179 -9.01 -0.72 16.62
CA MET B 179 -9.07 -1.82 15.68
C MET B 179 -8.72 -1.30 14.32
N ASP B 180 -8.17 -2.19 13.49
CA ASP B 180 -8.07 -1.93 12.05
C ASP B 180 -9.43 -1.56 11.47
N ILE B 181 -9.42 -0.66 10.48
CA ILE B 181 -10.64 -0.03 10.01
C ILE B 181 -11.59 -1.02 9.35
N GLY B 182 -11.06 -1.92 8.53
CA GLY B 182 -11.91 -2.91 7.86
C GLY B 182 -12.70 -3.76 8.84
N THR B 183 -12.01 -4.37 9.80
CA THR B 183 -12.71 -5.22 10.77
C THR B 183 -13.53 -4.40 11.75
N ALA B 184 -13.08 -3.18 12.04
CA ALA B 184 -13.80 -2.30 12.96
C ALA B 184 -15.16 -1.91 12.38
N GLU B 185 -15.15 -1.56 11.10
CA GLU B 185 -16.39 -1.31 10.39
C GLU B 185 -17.28 -2.54 10.37
N TYR B 186 -16.68 -3.69 10.10
CA TYR B 186 -17.42 -4.94 10.06
C TYR B 186 -18.14 -5.24 11.39
N VAL B 187 -17.41 -5.16 12.51
CA VAL B 187 -18.04 -5.47 13.81
C VAL B 187 -19.14 -4.49 14.19
N THR B 188 -18.89 -3.20 14.00
CA THR B 188 -19.89 -2.20 14.40
C THR B 188 -21.12 -2.23 13.47
N ASN B 189 -20.95 -2.81 12.28
CA ASN B 189 -22.06 -2.87 11.31
C ASN B 189 -22.80 -4.20 11.25
N ASN B 190 -22.25 -5.25 11.84
CA ASN B 190 -22.83 -6.58 11.70
C ASN B 190 -22.89 -7.41 12.97
N ILE B 191 -22.05 -7.12 13.96
CA ILE B 191 -21.96 -7.99 15.12
C ILE B 191 -22.44 -7.31 16.39
N TYR B 192 -21.87 -6.14 16.69
CA TYR B 192 -22.24 -5.42 17.90
C TYR B 192 -22.78 -4.06 17.55
N CYS B 193 -24.10 -4.01 17.34
CA CYS B 193 -24.75 -2.81 16.86
C CYS B 193 -24.69 -1.68 17.87
N ASN B 194 -24.51 -2.02 19.15
CA ASN B 194 -24.40 -1.01 20.20
C ASN B 194 -23.04 -0.28 20.20
N LEU B 195 -22.08 -0.77 19.42
CA LEU B 195 -20.77 -0.14 19.33
C LEU B 195 -20.68 0.81 18.14
N THR B 196 -19.76 1.76 18.18
CA THR B 196 -19.59 2.68 17.08
C THR B 196 -18.13 3.12 16.98
N LEU B 197 -17.81 3.77 15.86
CA LEU B 197 -16.49 4.26 15.59
C LEU B 197 -16.51 5.76 15.79
N VAL B 198 -15.42 6.33 16.27
CA VAL B 198 -15.40 7.76 16.55
C VAL B 198 -14.07 8.34 16.13
N GLY B 199 -14.09 9.57 15.63
CA GLY B 199 -12.87 10.27 15.31
C GLY B 199 -12.30 9.90 13.97
N GLU B 200 -11.13 10.44 13.70
CA GLU B 200 -10.42 10.22 12.45
C GLU B 200 -9.59 8.95 12.50
N ASP B 201 -9.30 8.37 11.35
CA ASP B 201 -8.49 7.16 11.37
C ASP B 201 -7.03 7.55 11.53
N PHE B 202 -6.20 6.60 11.90
CA PHE B 202 -4.80 6.88 12.24
C PHE B 202 -3.96 5.68 11.92
N ASP B 203 -2.65 5.87 11.91
CA ASP B 203 -1.69 4.83 11.66
C ASP B 203 -1.88 4.20 10.28
N LYS B 204 -1.89 5.03 9.25
CA LYS B 204 -2.03 4.49 7.89
C LYS B 204 -0.92 3.51 7.65
N SER B 205 -1.27 2.36 7.07
CA SER B 205 -0.35 1.23 7.02
C SER B 205 -0.82 0.27 5.94
N THR B 206 -0.29 -0.94 5.90
CA THR B 206 -0.68 -1.92 4.88
C THR B 206 -0.67 -3.30 5.53
N PHE B 207 -1.37 -4.24 4.91
CA PHE B 207 -1.29 -5.64 5.26
C PHE B 207 -0.47 -6.35 4.20
N GLY B 208 0.31 -7.33 4.62
CA GLY B 208 1.13 -8.12 3.70
C GLY B 208 1.16 -9.56 4.15
N ILE B 209 1.44 -10.46 3.20
CA ILE B 209 1.72 -11.85 3.53
C ILE B 209 3.14 -11.95 4.12
N VAL B 210 3.24 -12.62 5.25
CA VAL B 210 4.53 -12.83 5.89
C VAL B 210 5.24 -14.00 5.29
N THR B 211 6.52 -13.81 4.99
CA THR B 211 7.34 -14.87 4.45
C THR B 211 8.67 -14.82 5.22
N PRO B 212 9.48 -15.88 5.11
CA PRO B 212 10.83 -15.79 5.64
C PRO B 212 11.63 -14.71 4.94
N LYS B 213 12.64 -14.17 5.62
CA LYS B 213 13.58 -13.28 4.98
C LYS B 213 14.34 -14.03 3.90
N GLU B 214 14.65 -13.31 2.82
CA GLU B 214 15.45 -13.85 1.73
C GLU B 214 14.85 -15.13 1.17
N TRP B 215 13.53 -15.13 0.98
CA TRP B 215 12.81 -16.33 0.59
C TRP B 215 12.98 -16.72 -0.87
N LEU B 216 13.22 -18.02 -1.11
CA LEU B 216 13.42 -18.52 -2.46
C LEU B 216 12.25 -18.14 -3.39
N TYR B 217 11.07 -18.06 -2.81
CA TYR B 217 9.86 -17.93 -3.60
C TYR B 217 9.25 -16.53 -3.58
N ALA B 218 10.03 -15.54 -3.14
CA ALA B 218 9.55 -14.15 -2.99
C ALA B 218 8.98 -13.57 -4.28
N LYS B 219 9.71 -13.71 -5.37
CA LYS B 219 9.23 -13.15 -6.64
C LYS B 219 7.93 -13.82 -7.11
N ASP B 220 7.85 -15.14 -7.05
CA ASP B 220 6.66 -15.84 -7.55
C ASP B 220 5.45 -15.35 -6.78
N LEU B 221 5.56 -15.25 -5.46
CA LEU B 221 4.40 -14.80 -4.68
C LEU B 221 4.06 -13.36 -5.02
N ASP B 222 5.07 -12.49 -5.10
CA ASP B 222 4.80 -11.06 -5.33
C ASP B 222 4.17 -10.82 -6.69
N VAL B 223 4.68 -11.50 -7.70
CA VAL B 223 4.09 -11.34 -9.05
C VAL B 223 2.62 -11.73 -9.06
N ASN B 224 2.30 -12.81 -8.38
CA ASN B 224 0.93 -13.28 -8.33
C ASN B 224 -0.03 -12.36 -7.56
N ILE B 225 0.41 -11.89 -6.40
CA ILE B 225 -0.36 -10.93 -5.63
C ILE B 225 -0.60 -9.66 -6.43
N LEU B 226 0.44 -9.14 -7.08
CA LEU B 226 0.25 -7.97 -7.93
C LEU B 226 -0.72 -8.21 -9.04
N SER B 227 -0.72 -9.42 -9.60
CA SER B 227 -1.62 -9.74 -10.67
C SER B 227 -3.08 -9.78 -10.19
N LEU B 228 -3.31 -10.35 -9.02
CA LEU B 228 -4.64 -10.30 -8.38
C LEU B 228 -5.08 -8.87 -8.10
N ARG B 229 -4.14 -8.01 -7.72
N ARG B 229 -4.15 -7.98 -7.71
CA ARG B 229 -4.44 -6.60 -7.49
CA ARG B 229 -4.55 -6.59 -7.53
C ARG B 229 -4.91 -5.97 -8.79
C ARG B 229 -5.00 -6.06 -8.87
N GLU B 230 -4.11 -6.17 -9.84
CA GLU B 230 -4.31 -5.54 -11.14
C GLU B 230 -5.59 -5.98 -11.81
N THR B 231 -5.97 -7.25 -11.66
CA THR B 231 -7.17 -7.76 -12.29
C THR B 231 -8.45 -7.60 -11.45
N GLY B 232 -8.37 -6.95 -10.31
CA GLY B 232 -9.57 -6.69 -9.51
C GLY B 232 -10.02 -7.81 -8.57
N ILE B 233 -9.26 -8.90 -8.48
CA ILE B 233 -9.63 -10.01 -7.59
C ILE B 233 -9.62 -9.60 -6.12
N LEU B 234 -8.59 -8.86 -5.69
CA LEU B 234 -8.54 -8.42 -4.31
C LEU B 234 -9.73 -7.50 -4.00
N ASP B 235 -10.03 -6.59 -4.92
CA ASP B 235 -11.20 -5.73 -4.77
C ASP B 235 -12.49 -6.53 -4.67
N ASN B 236 -12.64 -7.55 -5.51
CA ASN B 236 -13.84 -8.39 -5.47
C ASN B 236 -13.97 -9.13 -4.13
N LEU B 237 -12.85 -9.62 -3.61
CA LEU B 237 -12.88 -10.35 -2.35
C LEU B 237 -13.25 -9.42 -1.20
N LYS B 238 -12.76 -8.20 -1.28
CA LYS B 238 -13.09 -7.21 -0.26
C LYS B 238 -14.57 -6.91 -0.26
N LYS B 239 -15.15 -6.69 -1.45
CA LYS B 239 -16.59 -6.47 -1.54
C LYS B 239 -17.36 -7.68 -1.04
N LYS B 240 -16.96 -8.87 -1.47
CA LYS B 240 -17.67 -10.09 -1.08
C LYS B 240 -17.81 -10.23 0.44
N TRP B 241 -16.72 -9.96 1.16
CA TRP B 241 -16.68 -10.28 2.60
C TRP B 241 -16.96 -9.10 3.52
N PHE B 242 -16.79 -7.89 3.00
CA PHE B 242 -16.90 -6.69 3.85
C PHE B 242 -18.07 -5.79 3.54
N GLN B 243 -18.65 -5.91 2.35
CA GLN B 243 -19.81 -5.07 2.03
C GLN B 243 -21.10 -5.69 2.53
N THR B 244 -21.31 -5.59 3.83
CA THR B 244 -22.50 -6.10 4.48
C THR B 244 -22.78 -5.26 5.72
N LYS B 245 -24.06 -5.10 6.05
CA LYS B 245 -24.46 -4.39 7.27
C LYS B 245 -25.75 -4.97 7.80
N ALA B 246 -25.66 -5.89 8.75
CA ALA B 246 -26.86 -6.47 9.32
C ALA B 246 -27.50 -5.51 10.31
N CYS B 247 -26.66 -4.75 11.03
CA CYS B 247 -27.16 -3.79 12.03
C CYS B 247 -28.09 -2.75 11.41
N PRO B 248 -29.18 -2.40 12.13
CA PRO B 248 -30.13 -1.36 11.69
C PRO B 248 -29.57 0.06 11.78
#